data_9CI7
#
_entry.id   9CI7
#
_cell.length_a   70.630
_cell.length_b   70.630
_cell.length_c   97.165
_cell.angle_alpha   90.000
_cell.angle_beta   90.000
_cell.angle_gamma   120.000
#
_symmetry.space_group_name_H-M   'P 61'
#
loop_
_entity.id
_entity.type
_entity.pdbx_description
1 polymer 'Serine/threonine-protein phosphatase 1 regulatory subunit 10'
2 polymer 'TOX high mobility group box family member 4'
3 non-polymer 'CHLORIDE ION'
4 non-polymer 'ZINC ION'
5 non-polymer 'SODIUM ION'
6 water water
#
loop_
_entity_poly.entity_id
_entity_poly.type
_entity_poly.pdbx_seq_one_letter_code
_entity_poly.pdbx_strand_id
1 'polypeptide(L)'
;GHMPIDPKELLKGLDSFLTRDGEVKSVDGIAKIFSLMKEARKMVSRSTYLNIILQTRAPEVLVKFIDVGGYKLLNSWLTY
SKTTNNIPLLQQILLTLQHLPLTVDHLKQNNTAKLVKQLSKSSEDEELRKLASVLVSDWMAVIRSQSSTQPAEKDKKKR
;
A
2 'polypeptide(L)' GHMRCVRSGCENPPIVSKDWDNEYCSNECVVKHSRDVFLAWVASRNSNTVVFVK B
#
# COMPACT_ATOMS: atom_id res chain seq x y z
N GLY A 1 -18.09 11.99 15.70
CA GLY A 1 -16.90 12.81 15.62
C GLY A 1 -15.84 12.20 14.73
N HIS A 2 -16.06 10.97 14.31
CA HIS A 2 -15.12 10.26 13.45
C HIS A 2 -15.90 9.31 12.55
N MET A 3 -15.17 8.67 11.64
CA MET A 3 -15.76 7.67 10.76
C MET A 3 -14.69 6.66 10.36
N PRO A 4 -14.75 5.43 10.88
CA PRO A 4 -13.74 4.44 10.51
C PRO A 4 -13.78 4.13 9.02
N ILE A 5 -12.59 4.04 8.42
CA ILE A 5 -12.49 3.79 6.99
C ILE A 5 -12.99 2.38 6.69
N ASP A 6 -13.94 2.28 5.74
CA ASP A 6 -14.45 1.01 5.29
C ASP A 6 -13.69 0.59 4.04
N PRO A 7 -12.74 -0.34 4.12
CA PRO A 7 -11.97 -0.70 2.91
C PRO A 7 -12.82 -1.37 1.85
N LYS A 8 -13.91 -2.04 2.24
CA LYS A 8 -14.80 -2.64 1.24
C LYS A 8 -15.51 -1.55 0.42
N GLU A 9 -15.95 -0.48 1.09
CA GLU A 9 -16.61 0.61 0.37
C GLU A 9 -15.61 1.41 -0.46
N LEU A 10 -14.34 1.43 -0.05
CA LEU A 10 -13.31 2.09 -0.85
C LEU A 10 -13.11 1.37 -2.17
N LEU A 11 -13.02 0.03 -2.13
CA LEU A 11 -12.89 -0.74 -3.36
C LEU A 11 -14.17 -0.70 -4.18
N LYS A 12 -15.33 -0.67 -3.51
CA LYS A 12 -16.60 -0.58 -4.23
C LYS A 12 -16.69 0.71 -5.02
N GLY A 13 -16.20 1.82 -4.46
CA GLY A 13 -16.19 3.08 -5.17
C GLY A 13 -15.27 3.10 -6.36
N LEU A 14 -14.34 2.17 -6.45
CA LEU A 14 -13.42 2.04 -7.58
C LEU A 14 -13.78 0.83 -8.45
N ASP A 15 -15.06 0.45 -8.46
CA ASP A 15 -15.47 -0.76 -9.17
C ASP A 15 -15.25 -0.64 -10.67
N SER A 16 -15.48 0.55 -11.23
CA SER A 16 -15.36 0.73 -12.67
C SER A 16 -13.93 0.90 -13.15
N PHE A 17 -13.01 1.25 -12.25
CA PHE A 17 -11.62 1.47 -12.63
C PHE A 17 -10.76 0.22 -12.49
N LEU A 18 -11.24 -0.80 -11.78
CA LEU A 18 -10.44 -2.00 -11.50
C LEU A 18 -11.03 -3.21 -12.21
N THR A 19 -10.18 -4.20 -12.44
CA THR A 19 -10.60 -5.48 -13.00
C THR A 19 -11.23 -6.32 -11.89
N ARG A 20 -11.53 -7.59 -12.21
CA ARG A 20 -12.03 -8.50 -11.19
C ARG A 20 -10.97 -8.86 -10.16
N ASP A 21 -9.70 -8.72 -10.50
CA ASP A 21 -8.59 -9.02 -9.60
C ASP A 21 -8.00 -7.78 -8.95
N GLY A 22 -8.62 -6.61 -9.14
CA GLY A 22 -8.17 -5.40 -8.48
C GLY A 22 -7.06 -4.65 -9.17
N GLU A 23 -6.87 -4.84 -10.46
CA GLU A 23 -5.83 -4.16 -11.21
C GLU A 23 -6.39 -2.92 -11.89
N VAL A 24 -5.59 -1.85 -11.91
CA VAL A 24 -6.00 -0.63 -12.60
C VAL A 24 -6.02 -0.88 -14.09
N LYS A 25 -7.13 -0.54 -14.73
CA LYS A 25 -7.35 -0.91 -16.13
C LYS A 25 -6.59 0.01 -17.08
N SER A 26 -6.77 1.32 -16.94
CA SER A 26 -6.22 2.29 -17.90
C SER A 26 -5.41 3.35 -17.17
N VAL A 27 -4.73 4.17 -17.98
CA VAL A 27 -3.97 5.28 -17.43
C VAL A 27 -4.88 6.39 -16.93
N ASP A 28 -6.12 6.45 -17.41
CA ASP A 28 -7.08 7.42 -16.88
C ASP A 28 -7.55 7.03 -15.49
N GLY A 29 -7.62 5.73 -15.19
CA GLY A 29 -8.03 5.31 -13.87
C GLY A 29 -6.97 5.54 -12.82
N ILE A 30 -5.70 5.35 -13.18
CA ILE A 30 -4.62 5.54 -12.22
C ILE A 30 -4.45 7.02 -11.88
N ALA A 31 -4.92 7.92 -12.74
CA ALA A 31 -4.89 9.34 -12.42
C ALA A 31 -5.95 9.70 -11.39
N LYS A 32 -7.15 9.12 -11.50
CA LYS A 32 -8.19 9.38 -10.50
C LYS A 32 -7.85 8.70 -9.18
N ILE A 33 -7.20 7.53 -9.23
CA ILE A 33 -6.80 6.86 -8.00
C ILE A 33 -5.72 7.63 -7.28
N PHE A 34 -4.76 8.20 -8.03
CA PHE A 34 -3.72 9.00 -7.41
C PHE A 34 -4.30 10.25 -6.74
N SER A 35 -5.35 10.83 -7.33
CA SER A 35 -6.01 11.97 -6.70
C SER A 35 -6.63 11.59 -5.36
N LEU A 36 -7.15 10.36 -5.26
CA LEU A 36 -7.69 9.90 -3.99
C LEU A 36 -6.57 9.55 -3.02
N MET A 37 -5.47 8.97 -3.52
CA MET A 37 -4.35 8.63 -2.66
C MET A 37 -3.68 9.86 -2.07
N LYS A 38 -3.64 10.97 -2.81
CA LYS A 38 -3.01 12.18 -2.31
C LYS A 38 -3.76 12.76 -1.13
N GLU A 39 -5.07 12.49 -1.03
CA GLU A 39 -5.87 12.97 0.08
C GLU A 39 -6.07 11.91 1.16
N ALA A 40 -5.50 10.71 0.98
CA ALA A 40 -5.66 9.64 1.95
C ALA A 40 -4.65 9.81 3.07
N ARG A 41 -5.14 10.02 4.29
CA ARG A 41 -4.30 10.19 5.46
C ARG A 41 -4.43 9.05 6.47
N LYS A 42 -5.57 8.37 6.51
CA LYS A 42 -5.74 7.24 7.41
C LYS A 42 -5.00 6.02 6.89
N MET A 43 -4.53 5.18 7.82
CA MET A 43 -3.70 4.04 7.43
C MET A 43 -4.48 3.01 6.63
N VAL A 44 -5.77 2.82 6.94
CA VAL A 44 -6.57 1.85 6.20
C VAL A 44 -6.67 2.23 4.73
N SER A 45 -6.88 3.52 4.45
CA SER A 45 -6.97 3.97 3.07
C SER A 45 -5.65 3.77 2.34
N ARG A 46 -4.53 4.09 3.02
CA ARG A 46 -3.22 3.95 2.38
C ARG A 46 -2.89 2.49 2.10
N SER A 47 -3.14 1.61 3.06
CA SER A 47 -2.85 0.20 2.86
C SER A 47 -3.72 -0.41 1.77
N THR A 48 -4.96 0.07 1.63
CA THR A 48 -5.84 -0.44 0.58
C THR A 48 -5.38 0.02 -0.80
N TYR A 49 -5.00 1.29 -0.93
CA TYR A 49 -4.52 1.78 -2.22
C TYR A 49 -3.19 1.16 -2.60
N LEU A 50 -2.36 0.81 -1.61
CA LEU A 50 -1.10 0.13 -1.92
C LEU A 50 -1.35 -1.26 -2.47
N ASN A 51 -2.40 -1.94 -2.00
CA ASN A 51 -2.74 -3.25 -2.55
C ASN A 51 -3.17 -3.14 -4.02
N ILE A 52 -3.86 -2.06 -4.37
CA ILE A 52 -4.28 -1.85 -5.75
C ILE A 52 -3.05 -1.66 -6.65
N ILE A 53 -2.06 -0.88 -6.18
CA ILE A 53 -0.86 -0.69 -6.96
C ILE A 53 -0.08 -2.00 -7.09
N LEU A 54 -0.01 -2.77 -5.99
CA LEU A 54 0.73 -4.03 -6.02
C LEU A 54 0.10 -5.04 -6.98
N GLN A 55 -1.22 -5.02 -7.12
CA GLN A 55 -1.88 -5.95 -8.02
C GLN A 55 -1.81 -5.51 -9.48
N THR A 56 -1.65 -4.22 -9.74
CA THR A 56 -1.55 -3.73 -11.11
C THR A 56 -0.20 -4.13 -11.71
N ARG A 57 -0.23 -4.76 -12.88
CA ARG A 57 0.99 -5.27 -13.50
C ARG A 57 1.34 -4.61 -14.82
N ALA A 58 0.41 -3.91 -15.45
CA ALA A 58 0.67 -3.25 -16.72
C ALA A 58 1.75 -2.19 -16.55
N PRO A 59 2.88 -2.29 -17.25
CA PRO A 59 3.97 -1.32 -17.03
C PRO A 59 3.60 0.10 -17.42
N GLU A 60 2.83 0.27 -18.50
CA GLU A 60 2.43 1.61 -18.88
C GLU A 60 1.52 2.26 -17.85
N VAL A 61 0.77 1.46 -17.09
CA VAL A 61 -0.05 2.00 -16.02
C VAL A 61 0.79 2.34 -14.80
N LEU A 62 1.78 1.50 -14.50
CA LEU A 62 2.64 1.75 -13.35
C LEU A 62 3.53 2.98 -13.59
N VAL A 63 4.03 3.15 -14.81
CA VAL A 63 4.84 4.32 -15.13
C VAL A 63 4.01 5.60 -14.99
N LYS A 64 2.74 5.54 -15.40
CA LYS A 64 1.88 6.70 -15.27
C LYS A 64 1.68 7.08 -13.80
N PHE A 65 1.58 6.08 -12.92
CA PHE A 65 1.48 6.37 -11.50
C PHE A 65 2.72 7.08 -10.99
N ILE A 66 3.89 6.72 -11.51
CA ILE A 66 5.12 7.39 -11.11
C ILE A 66 5.16 8.82 -11.65
N ASP A 67 4.68 9.02 -12.88
CA ASP A 67 4.81 10.32 -13.52
C ASP A 67 3.88 11.35 -12.89
N VAL A 68 2.66 10.95 -12.52
CA VAL A 68 1.70 11.88 -11.97
C VAL A 68 2.07 12.37 -10.57
N GLY A 69 3.05 11.74 -9.93
CA GLY A 69 3.47 12.16 -8.61
C GLY A 69 3.39 11.06 -7.58
N GLY A 70 3.19 9.83 -8.03
CA GLY A 70 3.09 8.71 -7.10
C GLY A 70 4.38 8.41 -6.39
N TYR A 71 5.52 8.68 -7.02
CA TYR A 71 6.80 8.47 -6.35
C TYR A 71 7.05 9.52 -5.28
N LYS A 72 6.60 10.75 -5.50
CA LYS A 72 6.69 11.76 -4.46
C LYS A 72 5.75 11.45 -3.31
N LEU A 73 4.57 10.92 -3.63
CA LEU A 73 3.61 10.58 -2.57
C LEU A 73 4.12 9.44 -1.70
N LEU A 74 4.69 8.41 -2.31
CA LEU A 74 5.23 7.29 -1.53
C LEU A 74 6.40 7.75 -0.66
N ASN A 75 7.14 8.77 -1.10
CA ASN A 75 8.21 9.33 -0.28
C ASN A 75 7.63 9.97 0.98
N SER A 76 6.50 10.66 0.85
CA SER A 76 5.86 11.28 2.00
C SER A 76 5.31 10.22 2.95
N TRP A 77 4.71 9.16 2.41
CA TRP A 77 4.23 8.07 3.26
C TRP A 77 5.40 7.32 3.90
N LEU A 78 6.49 7.13 3.15
CA LEU A 78 7.68 6.48 3.71
C LEU A 78 8.27 7.31 4.85
N THR A 79 8.31 8.62 4.68
CA THR A 79 8.85 9.49 5.72
C THR A 79 7.99 9.43 6.99
N TYR A 80 6.68 9.49 6.83
CA TYR A 80 5.79 9.45 7.99
C TYR A 80 5.84 8.09 8.67
N SER A 81 5.88 7.01 7.90
CA SER A 81 5.93 5.68 8.50
C SER A 81 7.26 5.42 9.20
N LYS A 82 8.33 6.03 8.72
CA LYS A 82 9.63 5.87 9.37
C LYS A 82 9.69 6.67 10.68
N THR A 83 9.06 7.85 10.70
CA THR A 83 9.04 8.65 11.92
C THR A 83 8.22 8.00 13.01
N THR A 84 7.02 7.52 12.67
CA THR A 84 6.13 6.87 13.62
C THR A 84 6.47 5.40 13.84
N ASN A 85 7.50 4.88 13.18
CA ASN A 85 7.94 3.49 13.32
C ASN A 85 6.78 2.52 13.05
N ASN A 86 6.21 2.65 11.85
CA ASN A 86 5.11 1.80 11.41
C ASN A 86 5.70 0.70 10.53
N ILE A 87 6.13 -0.38 11.18
CA ILE A 87 6.78 -1.47 10.43
C ILE A 87 5.86 -2.11 9.40
N PRO A 88 4.61 -2.45 9.70
CA PRO A 88 3.76 -3.06 8.65
C PRO A 88 3.57 -2.19 7.42
N LEU A 89 3.39 -0.88 7.61
CA LEU A 89 3.23 -0.01 6.45
C LEU A 89 4.55 0.22 5.74
N LEU A 90 5.65 0.30 6.50
CA LEU A 90 6.97 0.39 5.86
C LEU A 90 7.23 -0.81 4.98
N GLN A 91 6.86 -2.00 5.45
CA GLN A 91 7.02 -3.21 4.65
C GLN A 91 6.20 -3.13 3.36
N GLN A 92 4.94 -2.72 3.48
CA GLN A 92 4.08 -2.64 2.30
C GLN A 92 4.53 -1.55 1.34
N ILE A 93 5.09 -0.46 1.87
CA ILE A 93 5.57 0.62 1.01
C ILE A 93 6.80 0.16 0.21
N LEU A 94 7.74 -0.52 0.87
CA LEU A 94 8.93 -1.01 0.17
C LEU A 94 8.58 -2.09 -0.83
N LEU A 95 7.58 -2.93 -0.53
CA LEU A 95 7.11 -3.90 -1.51
C LEU A 95 6.53 -3.20 -2.74
N THR A 96 5.88 -2.05 -2.53
CA THR A 96 5.37 -1.29 -3.67
C THR A 96 6.50 -0.68 -4.49
N LEU A 97 7.52 -0.15 -3.81
CA LEU A 97 8.67 0.41 -4.52
C LEU A 97 9.39 -0.65 -5.35
N GLN A 98 9.54 -1.85 -4.80
CA GLN A 98 10.12 -2.95 -5.56
C GLN A 98 9.22 -3.37 -6.71
N HIS A 99 7.91 -3.19 -6.57
CA HIS A 99 6.98 -3.59 -7.62
C HIS A 99 6.98 -2.58 -8.77
N LEU A 100 7.29 -1.31 -8.49
CA LEU A 100 7.23 -0.27 -9.50
C LEU A 100 8.49 -0.29 -10.37
N PRO A 101 8.35 -0.05 -11.67
CA PRO A 101 9.53 0.00 -12.56
C PRO A 101 10.26 1.34 -12.46
N LEU A 102 10.99 1.51 -11.36
CA LEU A 102 11.71 2.75 -11.12
C LEU A 102 12.97 2.83 -11.96
N THR A 103 13.21 3.99 -12.55
CA THR A 103 14.40 4.24 -13.33
C THR A 103 15.41 5.04 -12.49
N VAL A 104 16.57 5.29 -13.08
CA VAL A 104 17.60 6.06 -12.39
C VAL A 104 17.13 7.49 -12.15
N ASP A 105 16.44 8.07 -13.15
CA ASP A 105 15.93 9.44 -12.99
C ASP A 105 14.89 9.52 -11.88
N HIS A 106 14.10 8.45 -11.68
CA HIS A 106 13.14 8.44 -10.59
C HIS A 106 13.84 8.41 -9.25
N LEU A 107 14.88 7.58 -9.11
CA LEU A 107 15.58 7.44 -7.84
C LEU A 107 16.31 8.72 -7.44
N LYS A 108 16.59 9.61 -8.39
CA LYS A 108 17.27 10.87 -8.11
C LYS A 108 16.31 12.00 -7.71
N GLN A 109 15.01 11.74 -7.69
CA GLN A 109 14.03 12.79 -7.42
C GLN A 109 14.02 13.20 -5.95
N ASN A 110 14.08 12.24 -5.04
CA ASN A 110 13.96 12.52 -3.62
C ASN A 110 14.92 11.63 -2.85
N ASN A 111 14.75 11.58 -1.52
CA ASN A 111 15.62 10.83 -0.64
C ASN A 111 15.08 9.45 -0.29
N THR A 112 14.19 8.91 -1.11
CA THR A 112 13.63 7.58 -0.85
C THR A 112 14.73 6.53 -0.85
N ALA A 113 15.62 6.58 -1.85
CA ALA A 113 16.72 5.62 -1.91
C ALA A 113 17.62 5.74 -0.68
N LYS A 114 17.83 6.97 -0.19
CA LYS A 114 18.62 7.16 1.02
C LYS A 114 17.94 6.54 2.23
N LEU A 115 16.63 6.74 2.37
CA LEU A 115 15.92 6.17 3.52
C LEU A 115 15.87 4.66 3.45
N VAL A 116 15.75 4.10 2.24
CA VAL A 116 15.75 2.65 2.09
C VAL A 116 17.13 2.08 2.40
N LYS A 117 18.19 2.79 1.99
CA LYS A 117 19.54 2.34 2.30
C LYS A 117 19.79 2.33 3.80
N GLN A 118 19.27 3.32 4.52
CA GLN A 118 19.41 3.36 5.97
C GLN A 118 18.65 2.22 6.62
N LEU A 119 17.47 1.87 6.08
CA LEU A 119 16.70 0.76 6.63
C LEU A 119 17.42 -0.58 6.43
N SER A 120 18.18 -0.72 5.34
CA SER A 120 18.90 -1.96 5.10
C SER A 120 20.06 -2.17 6.06
N LYS A 121 20.42 -1.17 6.85
CA LYS A 121 21.56 -1.24 7.76
C LYS A 121 21.18 -1.17 9.23
N SER A 122 20.17 -0.39 9.59
CA SER A 122 19.88 -0.10 10.98
C SER A 122 18.49 -0.51 11.43
N SER A 123 17.67 -1.10 10.56
CA SER A 123 16.34 -1.51 10.97
C SER A 123 16.40 -2.74 11.86
N GLU A 124 15.70 -2.70 12.99
CA GLU A 124 15.70 -3.80 13.94
C GLU A 124 14.70 -4.88 13.58
N ASP A 125 13.90 -4.69 12.53
CA ASP A 125 12.98 -5.72 12.05
C ASP A 125 13.68 -6.58 11.01
N GLU A 126 13.65 -7.89 11.20
CA GLU A 126 14.39 -8.80 10.33
C GLU A 126 13.84 -8.78 8.91
N GLU A 127 12.52 -8.79 8.76
CA GLU A 127 11.94 -8.82 7.42
C GLU A 127 12.06 -7.47 6.73
N LEU A 128 11.98 -6.37 7.48
CA LEU A 128 12.13 -5.05 6.86
C LEU A 128 13.57 -4.80 6.44
N ARG A 129 14.53 -5.24 7.27
CA ARG A 129 15.94 -5.09 6.91
C ARG A 129 16.28 -5.93 5.68
N LYS A 130 15.75 -7.15 5.61
CA LYS A 130 16.03 -8.02 4.46
C LYS A 130 15.38 -7.47 3.20
N LEU A 131 14.15 -6.98 3.29
CA LEU A 131 13.49 -6.42 2.12
C LEU A 131 14.21 -5.17 1.63
N ALA A 132 14.67 -4.32 2.56
CA ALA A 132 15.41 -3.13 2.16
C ALA A 132 16.74 -3.51 1.52
N SER A 133 17.39 -4.57 2.01
CA SER A 133 18.65 -4.99 1.43
C SER A 133 18.47 -5.49 -0.01
N VAL A 134 17.43 -6.29 -0.24
CA VAL A 134 17.15 -6.75 -1.61
C VAL A 134 16.76 -5.57 -2.49
N LEU A 135 16.08 -4.58 -1.94
CA LEU A 135 15.66 -3.42 -2.73
C LEU A 135 16.86 -2.57 -3.13
N VAL A 136 17.84 -2.43 -2.24
CA VAL A 136 19.03 -1.65 -2.56
C VAL A 136 19.87 -2.35 -3.62
N SER A 137 19.99 -3.68 -3.53
CA SER A 137 20.77 -4.42 -4.52
C SER A 137 20.12 -4.35 -5.90
N ASP A 138 18.79 -4.36 -5.95
CA ASP A 138 18.09 -4.20 -7.22
C ASP A 138 18.36 -2.81 -7.82
N TRP A 139 18.32 -1.77 -6.98
CA TRP A 139 18.60 -0.43 -7.48
C TRP A 139 20.07 -0.26 -7.86
N MET A 140 20.97 -0.98 -7.19
CA MET A 140 22.37 -0.95 -7.58
C MET A 140 22.56 -1.53 -8.98
N ALA A 141 21.77 -2.55 -9.33
CA ALA A 141 21.86 -3.13 -10.67
C ALA A 141 21.27 -2.21 -11.72
N VAL A 142 20.25 -1.43 -11.37
CA VAL A 142 19.67 -0.49 -12.31
C VAL A 142 20.67 0.61 -12.65
N ILE A 143 21.40 1.12 -11.65
CA ILE A 143 22.43 2.11 -11.91
C ILE A 143 23.57 1.51 -12.73
N ARG A 144 23.90 0.24 -12.47
N ARG A 144 23.90 0.24 -12.47
CA ARG A 144 24.97 -0.44 -13.18
CA ARG A 144 24.98 -0.42 -13.19
C ARG A 144 24.61 -0.76 -14.62
C ARG A 144 24.60 -0.79 -14.61
N SER A 145 23.33 -0.67 -14.99
CA SER A 145 22.90 -0.97 -16.35
C SER A 145 23.21 0.14 -17.34
N GLN A 146 23.76 1.26 -16.88
CA GLN A 146 24.09 2.36 -17.78
C GLN A 146 25.36 3.08 -17.32
N GLY B 1 -16.85 -1.58 15.03
CA GLY B 1 -17.15 -1.30 16.42
C GLY B 1 -15.93 -0.88 17.23
N HIS B 2 -16.13 -0.64 18.52
CA HIS B 2 -15.07 -0.19 19.40
C HIS B 2 -14.80 -1.16 20.55
N MET B 3 -15.48 -2.31 20.59
CA MET B 3 -15.27 -3.29 21.64
C MET B 3 -14.10 -4.22 21.37
N ARG B 4 -13.82 -4.53 20.10
CA ARG B 4 -12.72 -5.41 19.76
C ARG B 4 -12.13 -5.01 18.41
N CYS B 5 -10.92 -5.49 18.16
CA CYS B 5 -10.24 -5.22 16.89
C CYS B 5 -11.07 -5.76 15.74
N VAL B 6 -11.30 -4.91 14.73
CA VAL B 6 -12.21 -5.25 13.63
C VAL B 6 -11.66 -6.36 12.74
N ARG B 7 -10.38 -6.70 12.86
CA ARG B 7 -9.83 -7.80 12.07
C ARG B 7 -10.44 -9.11 12.52
N SER B 8 -10.90 -9.91 11.55
CA SER B 8 -11.50 -11.20 11.86
C SER B 8 -10.45 -12.14 12.44
N GLY B 9 -10.74 -12.70 13.61
CA GLY B 9 -9.81 -13.56 14.31
C GLY B 9 -9.05 -12.88 15.44
N CYS B 10 -9.15 -11.55 15.55
CA CYS B 10 -8.50 -10.80 16.62
C CYS B 10 -9.57 -10.32 17.59
N GLU B 11 -9.42 -10.66 18.87
CA GLU B 11 -10.35 -10.27 19.91
C GLU B 11 -9.79 -9.18 20.82
N ASN B 12 -8.64 -8.62 20.47
CA ASN B 12 -8.02 -7.63 21.33
C ASN B 12 -8.82 -6.33 21.34
N PRO B 13 -8.82 -5.61 22.46
CA PRO B 13 -9.46 -4.29 22.48
C PRO B 13 -8.72 -3.31 21.59
N PRO B 14 -9.44 -2.42 20.91
CA PRO B 14 -8.77 -1.43 20.07
C PRO B 14 -7.97 -0.45 20.91
N ILE B 15 -6.94 0.13 20.29
CA ILE B 15 -6.12 1.14 20.92
C ILE B 15 -6.32 2.47 20.20
N VAL B 16 -5.88 3.55 20.84
CA VAL B 16 -5.99 4.89 20.29
C VAL B 16 -4.79 5.17 19.40
N SER B 17 -5.05 5.68 18.20
CA SER B 17 -4.00 6.05 17.27
C SER B 17 -4.55 7.08 16.31
N LYS B 18 -3.69 8.05 15.95
CA LYS B 18 -4.07 9.07 14.97
C LYS B 18 -4.20 8.49 13.56
N ASP B 19 -3.83 7.23 13.36
CA ASP B 19 -3.86 6.61 12.04
C ASP B 19 -5.16 5.84 11.77
N TRP B 20 -6.01 5.66 12.77
CA TRP B 20 -7.33 5.07 12.56
C TRP B 20 -8.30 5.68 13.57
N ASP B 21 -9.44 5.02 13.79
CA ASP B 21 -10.53 5.59 14.59
C ASP B 21 -10.98 4.59 15.66
N ASN B 22 -10.03 4.15 16.49
CA ASN B 22 -10.31 3.34 17.67
C ASN B 22 -11.02 2.03 17.30
N GLU B 23 -10.53 1.37 16.25
CA GLU B 23 -11.11 0.10 15.86
C GLU B 23 -10.04 -0.94 15.51
N TYR B 24 -8.76 -0.65 15.73
CA TYR B 24 -7.68 -1.60 15.53
C TYR B 24 -6.83 -1.67 16.77
N CYS B 25 -6.23 -2.84 17.00
CA CYS B 25 -5.36 -3.03 18.16
C CYS B 25 -3.89 -2.79 17.84
N SER B 26 -3.51 -2.79 16.56
CA SER B 26 -2.10 -2.69 16.19
C SER B 26 -2.01 -2.30 14.72
N ASN B 27 -0.79 -1.94 14.31
CA ASN B 27 -0.54 -1.64 12.91
C ASN B 27 -0.66 -2.88 12.03
N GLU B 28 -0.24 -4.05 12.55
CA GLU B 28 -0.31 -5.27 11.76
C GLU B 28 -1.75 -5.65 11.43
N CYS B 29 -2.67 -5.43 12.38
CA CYS B 29 -4.06 -5.78 12.12
C CYS B 29 -4.70 -4.88 11.06
N VAL B 30 -4.18 -3.65 10.90
CA VAL B 30 -4.66 -2.79 9.84
C VAL B 30 -4.30 -3.39 8.47
N VAL B 31 -3.04 -3.78 8.30
CA VAL B 31 -2.60 -4.31 7.02
C VAL B 31 -3.25 -5.65 6.73
N LYS B 32 -3.35 -6.51 7.75
CA LYS B 32 -3.94 -7.84 7.54
C LYS B 32 -5.43 -7.74 7.24
N HIS B 33 -6.15 -6.84 7.92
CA HIS B 33 -7.58 -6.71 7.66
C HIS B 33 -7.84 -6.14 6.28
N SER B 34 -7.06 -5.14 5.85
CA SER B 34 -7.22 -4.62 4.51
C SER B 34 -6.91 -5.67 3.46
N ARG B 35 -5.99 -6.58 3.74
CA ARG B 35 -5.71 -7.67 2.82
C ARG B 35 -6.85 -8.67 2.79
N ASP B 36 -7.46 -8.96 3.95
CA ASP B 36 -8.61 -9.85 4.00
C ASP B 36 -9.78 -9.29 3.21
N VAL B 37 -10.04 -7.98 3.36
CA VAL B 37 -11.15 -7.36 2.65
C VAL B 37 -10.88 -7.35 1.15
N PHE B 38 -9.62 -7.11 0.75
CA PHE B 38 -9.27 -7.09 -0.66
C PHE B 38 -9.50 -8.45 -1.30
N LEU B 39 -9.07 -9.51 -0.63
CA LEU B 39 -9.25 -10.86 -1.18
C LEU B 39 -10.73 -11.23 -1.27
N ALA B 40 -11.51 -10.87 -0.26
CA ALA B 40 -12.95 -11.14 -0.31
C ALA B 40 -13.63 -10.31 -1.39
N TRP B 41 -13.15 -9.09 -1.63
CA TRP B 41 -13.70 -8.26 -2.68
C TRP B 41 -13.41 -8.86 -4.06
N VAL B 42 -12.20 -9.40 -4.25
CA VAL B 42 -11.88 -10.09 -5.49
C VAL B 42 -12.72 -11.35 -5.64
N ALA B 43 -12.91 -12.08 -4.55
CA ALA B 43 -13.73 -13.30 -4.61
C ALA B 43 -15.18 -12.98 -4.94
N SER B 44 -15.69 -11.83 -4.48
CA SER B 44 -17.07 -11.47 -4.76
C SER B 44 -17.29 -11.09 -6.22
N ARG B 45 -16.24 -10.73 -6.95
CA ARG B 45 -16.33 -10.39 -8.36
CA ARG B 45 -16.36 -10.40 -8.36
C ARG B 45 -15.93 -11.53 -9.27
N ASN B 46 -15.53 -12.67 -8.72
CA ASN B 46 -15.14 -13.83 -9.52
C ASN B 46 -16.26 -14.86 -9.49
N SER B 47 -15.96 -16.07 -9.99
CA SER B 47 -16.96 -17.11 -10.08
C SER B 47 -17.40 -17.58 -8.70
N ASN B 48 -18.70 -17.80 -8.54
CA ASN B 48 -19.27 -18.22 -7.27
C ASN B 48 -19.94 -19.58 -7.43
N THR B 49 -20.09 -20.28 -6.31
CA THR B 49 -20.83 -21.54 -6.28
C THR B 49 -22.32 -21.33 -6.04
N VAL B 50 -22.74 -20.11 -5.73
CA VAL B 50 -24.15 -19.77 -5.55
C VAL B 50 -24.43 -18.46 -6.27
N VAL B 51 -25.67 -18.31 -6.74
CA VAL B 51 -26.05 -17.10 -7.47
C VAL B 51 -26.15 -15.91 -6.52
N PHE B 52 -27.01 -16.02 -5.52
CA PHE B 52 -27.20 -14.97 -4.53
C PHE B 52 -26.56 -15.38 -3.21
N VAL B 53 -26.12 -14.38 -2.45
CA VAL B 53 -25.48 -14.63 -1.16
C VAL B 53 -26.54 -14.81 -0.07
#